data_4YP6
#
_entry.id   4YP6
#
_cell.length_a   124.467
_cell.length_b   124.467
_cell.length_c   112.383
_cell.angle_alpha   90.000
_cell.angle_beta   90.000
_cell.angle_gamma   120.000
#
_symmetry.space_group_name_H-M   'P 31 2 1'
#
loop_
_entity.id
_entity.type
_entity.pdbx_description
1 polymer 'Nicotinamide-nucleotide adenylyltransferase'
2 non-polymer 'NADP NICOTINAMIDE-ADENINE-DINUCLEOTIDE PHOSPHATE'
3 water water
#
_entity_poly.entity_id   1
_entity_poly.type   'polypeptide(L)'
_entity_poly.pdbx_seq_one_letter_code
;VMTMRGLLVGKMQPFHRGHLQVIKSILEEVDELIICIGSAQLSHSIRDPFTAGERVMMLTKALSENGIPASRYYIIPVQD
IECNALWVGHIKMLTPPFDRVYSGNPLVQRLFSEDGYEVTAPPLFYRDRYSGTEVRRRMLDDGDWRSLLPESVVEVIDEI
NGVERIKHLAKKEVSELGGIS
;
_entity_poly.pdbx_strand_id   A,B,C
#
loop_
_chem_comp.id
_chem_comp.type
_chem_comp.name
_chem_comp.formula
NAP non-polymer 'NADP NICOTINAMIDE-ADENINE-DINUCLEOTIDE PHOSPHATE' 'C21 H28 N7 O17 P3'
#
# COMPACT_ATOMS: atom_id res chain seq x y z
N THR A 3 -19.01 -14.27 31.34
CA THR A 3 -18.08 -14.94 30.38
C THR A 3 -16.95 -13.98 30.02
N MET A 4 -15.72 -14.41 30.29
CA MET A 4 -14.51 -13.64 30.01
C MET A 4 -13.96 -14.12 28.67
N ARG A 5 -13.86 -13.20 27.71
CA ARG A 5 -13.35 -13.53 26.37
C ARG A 5 -12.07 -12.77 26.07
N GLY A 6 -11.06 -13.52 25.69
CA GLY A 6 -9.79 -12.97 25.23
C GLY A 6 -9.76 -12.83 23.71
N LEU A 7 -8.83 -12.03 23.22
CA LEU A 7 -8.58 -11.93 21.80
C LEU A 7 -7.09 -12.01 21.55
N LEU A 8 -6.75 -12.73 20.50
CA LEU A 8 -5.39 -12.90 20.00
C LEU A 8 -5.39 -12.60 18.48
N VAL A 9 -4.32 -12.01 17.97
CA VAL A 9 -4.18 -11.73 16.55
C VAL A 9 -2.80 -12.10 16.07
N GLY A 10 -2.74 -12.82 14.95
CA GLY A 10 -1.44 -13.13 14.33
C GLY A 10 -1.60 -13.54 12.87
N LYS A 11 -0.54 -13.41 12.10
CA LYS A 11 -0.54 -13.76 10.66
C LYS A 11 -0.67 -15.27 10.49
N MET A 12 0.02 -16.00 11.35
CA MET A 12 0.03 -17.46 11.33
C MET A 12 0.28 -18.06 9.96
N GLN A 13 1.47 -17.80 9.46
CA GLN A 13 1.94 -18.16 8.14
C GLN A 13 3.06 -19.21 8.19
N PRO A 14 2.78 -20.49 8.49
CA PRO A 14 1.47 -21.07 8.82
C PRO A 14 1.27 -21.17 10.33
N PHE A 15 0.17 -21.78 10.72
CA PHE A 15 -0.10 -22.09 12.12
C PHE A 15 0.83 -23.21 12.58
N HIS A 16 1.59 -22.99 13.65
CA HIS A 16 2.58 -23.96 14.14
C HIS A 16 2.36 -24.30 15.63
N ARG A 17 3.16 -25.23 16.11
CA ARG A 17 3.02 -25.72 17.49
C ARG A 17 3.17 -24.66 18.56
N GLY A 18 4.02 -23.67 18.30
CA GLY A 18 4.13 -22.49 19.14
C GLY A 18 2.82 -21.74 19.36
N HIS A 19 2.13 -21.44 18.24
CA HIS A 19 0.88 -20.72 18.31
C HIS A 19 -0.12 -21.50 19.17
N LEU A 20 -0.15 -22.80 18.96
CA LEU A 20 -1.04 -23.68 19.72
C LEU A 20 -0.71 -23.72 21.23
N GLN A 21 0.57 -23.78 21.56
CA GLN A 21 0.99 -23.67 22.97
C GLN A 21 0.48 -22.38 23.60
N VAL A 22 0.63 -21.26 22.88
CA VAL A 22 0.20 -19.98 23.43
C VAL A 22 -1.31 -19.93 23.65
N ILE A 23 -2.04 -20.40 22.65
CA ILE A 23 -3.49 -20.49 22.71
C ILE A 23 -3.96 -21.32 23.91
N LYS A 24 -3.34 -22.47 24.11
CA LYS A 24 -3.70 -23.31 25.28
C LYS A 24 -3.41 -22.56 26.59
N SER A 25 -2.28 -21.87 26.65
CA SER A 25 -1.94 -21.08 27.83
C SER A 25 -2.96 -19.96 28.12
N ILE A 26 -3.41 -19.28 27.07
CA ILE A 26 -4.42 -18.25 27.26
C ILE A 26 -5.72 -18.86 27.74
N LEU A 27 -6.07 -20.01 27.21
CA LEU A 27 -7.32 -20.68 27.61
C LEU A 27 -7.36 -21.10 29.10
N GLU A 28 -6.22 -21.09 29.77
CA GLU A 28 -6.20 -21.25 31.24
C GLU A 28 -6.72 -20.03 31.97
N GLU A 29 -6.73 -18.88 31.31
CA GLU A 29 -7.04 -17.59 31.94
C GLU A 29 -8.33 -16.94 31.46
N VAL A 30 -8.90 -17.42 30.37
CA VAL A 30 -10.15 -16.87 29.86
C VAL A 30 -11.13 -18.01 29.63
N ASP A 31 -12.41 -17.70 29.61
CA ASP A 31 -13.46 -18.67 29.24
C ASP A 31 -13.43 -19.02 27.75
N GLU A 32 -13.28 -17.99 26.90
CA GLU A 32 -13.27 -18.19 25.45
C GLU A 32 -12.21 -17.30 24.82
N LEU A 33 -11.61 -17.78 23.74
CA LEU A 33 -10.60 -17.05 23.00
C LEU A 33 -11.03 -16.79 21.56
N ILE A 34 -11.04 -15.52 21.18
CA ILE A 34 -11.22 -15.11 19.78
C ILE A 34 -9.85 -15.03 19.12
N ILE A 35 -9.64 -15.87 18.12
CA ILE A 35 -8.39 -15.94 17.40
C ILE A 35 -8.55 -15.31 16.02
N CYS A 36 -7.88 -14.18 15.81
CA CYS A 36 -7.92 -13.45 14.52
C CYS A 36 -6.69 -13.73 13.70
N ILE A 37 -6.92 -14.04 12.42
CA ILE A 37 -5.87 -14.24 11.44
C ILE A 37 -5.65 -12.89 10.77
N GLY A 38 -4.57 -12.24 11.17
CA GLY A 38 -4.19 -10.93 10.65
C GLY A 38 -3.56 -10.99 9.28
N SER A 39 -3.50 -9.83 8.63
CA SER A 39 -2.99 -9.72 7.26
C SER A 39 -3.61 -10.80 6.37
N ALA A 40 -4.91 -10.95 6.52
CA ALA A 40 -5.66 -11.97 5.79
C ALA A 40 -5.64 -11.74 4.26
N GLN A 41 -5.36 -10.50 3.83
CA GLN A 41 -5.30 -10.17 2.40
C GLN A 41 -4.01 -10.67 1.74
N LEU A 42 -2.98 -10.94 2.52
CA LEU A 42 -1.67 -11.33 1.99
C LEU A 42 -1.58 -12.84 1.76
N SER A 43 -1.20 -13.20 0.53
CA SER A 43 -0.88 -14.59 0.17
C SER A 43 0.15 -14.58 -0.94
N HIS A 44 0.68 -15.77 -1.25
CA HIS A 44 1.56 -15.98 -2.37
C HIS A 44 2.81 -15.08 -2.37
N SER A 45 3.37 -14.84 -1.19
CA SER A 45 4.74 -14.34 -1.09
C SER A 45 5.53 -15.25 -0.18
N ILE A 46 6.84 -15.04 -0.17
CA ILE A 46 7.76 -15.82 0.67
C ILE A 46 7.44 -15.65 2.17
N ARG A 47 7.16 -14.42 2.60
CA ARG A 47 6.82 -14.17 3.99
C ARG A 47 5.37 -14.54 4.36
N ASP A 48 4.47 -14.42 3.39
CA ASP A 48 3.04 -14.66 3.60
C ASP A 48 2.50 -15.58 2.51
N PRO A 49 2.80 -16.88 2.59
CA PRO A 49 2.45 -17.75 1.49
C PRO A 49 0.98 -18.12 1.36
N PHE A 50 0.24 -18.18 2.47
CA PHE A 50 -1.05 -18.84 2.51
C PHE A 50 -2.19 -17.84 2.56
N THR A 51 -3.27 -18.22 1.93
CA THR A 51 -4.46 -17.38 1.88
C THR A 51 -5.16 -17.37 3.21
N ALA A 52 -6.08 -16.44 3.35
CA ALA A 52 -6.95 -16.37 4.52
C ALA A 52 -7.69 -17.70 4.77
N GLY A 53 -8.27 -18.21 3.69
CA GLY A 53 -8.99 -19.50 3.74
C GLY A 53 -8.16 -20.69 4.11
N GLU A 54 -6.93 -20.73 3.61
CA GLU A 54 -6.01 -21.80 3.96
C GLU A 54 -5.64 -21.74 5.43
N ARG A 55 -5.45 -20.54 5.96
CA ARG A 55 -5.14 -20.39 7.38
C ARG A 55 -6.37 -20.66 8.26
N VAL A 56 -7.55 -20.25 7.83
CA VAL A 56 -8.78 -20.64 8.54
C VAL A 56 -8.84 -22.16 8.65
N MET A 57 -8.55 -22.84 7.54
CA MET A 57 -8.57 -24.29 7.51
C MET A 57 -7.56 -24.87 8.52
N MET A 58 -6.34 -24.34 8.49
CA MET A 58 -5.27 -24.77 9.43
C MET A 58 -5.68 -24.66 10.88
N LEU A 59 -6.18 -23.48 11.27
CA LEU A 59 -6.61 -23.27 12.64
C LEU A 59 -7.82 -24.15 13.02
N THR A 60 -8.80 -24.24 12.11
CA THR A 60 -10.03 -25.00 12.37
C THR A 60 -9.70 -26.47 12.65
N LYS A 61 -8.83 -27.04 11.81
CA LYS A 61 -8.41 -28.42 11.96
C LYS A 61 -7.55 -28.63 13.21
N ALA A 62 -6.58 -27.75 13.44
CA ALA A 62 -5.66 -27.90 14.56
C ALA A 62 -6.38 -27.80 15.90
N LEU A 63 -7.27 -26.83 16.04
CA LEU A 63 -7.96 -26.64 17.32
C LEU A 63 -8.97 -27.78 17.61
N SER A 64 -9.61 -28.27 16.56
CA SER A 64 -10.53 -29.39 16.70
C SER A 64 -9.77 -30.71 16.98
N GLU A 65 -8.59 -30.92 16.40
CA GLU A 65 -7.80 -32.15 16.58
C GLU A 65 -6.95 -32.15 17.88
N ASN A 66 -6.97 -31.10 18.70
CA ASN A 66 -6.24 -31.04 19.98
C ASN A 66 -7.09 -30.98 21.24
N GLY A 67 -8.33 -31.40 21.15
CA GLY A 67 -9.19 -31.52 22.33
C GLY A 67 -9.55 -30.21 22.99
N ILE A 68 -9.58 -29.12 22.21
CA ILE A 68 -10.19 -27.92 22.70
C ILE A 68 -11.65 -27.88 22.27
N PRO A 69 -12.58 -27.78 23.24
CA PRO A 69 -13.99 -27.75 22.82
C PRO A 69 -14.33 -26.52 21.97
N ALA A 70 -15.19 -26.74 20.98
CA ALA A 70 -15.60 -25.71 20.03
C ALA A 70 -16.23 -24.49 20.71
N SER A 71 -16.88 -24.72 21.85
CA SER A 71 -17.47 -23.66 22.66
C SER A 71 -16.44 -22.66 23.24
N ARG A 72 -15.16 -22.95 23.15
CA ARG A 72 -14.16 -22.12 23.78
C ARG A 72 -13.39 -21.19 22.83
N TYR A 73 -13.67 -21.25 21.53
CA TYR A 73 -12.90 -20.40 20.56
C TYR A 73 -13.71 -20.00 19.32
N TYR A 74 -13.20 -18.95 18.69
CA TYR A 74 -13.70 -18.47 17.43
C TYR A 74 -12.48 -18.18 16.57
N ILE A 75 -12.60 -18.40 15.25
CA ILE A 75 -11.52 -18.16 14.30
C ILE A 75 -12.02 -17.15 13.28
N ILE A 76 -11.34 -16.01 13.16
CA ILE A 76 -11.85 -14.95 12.28
C ILE A 76 -10.71 -14.34 11.44
N PRO A 77 -10.80 -14.41 10.10
CA PRO A 77 -9.85 -13.69 9.26
C PRO A 77 -10.08 -12.20 9.28
N VAL A 78 -9.01 -11.45 9.39
CA VAL A 78 -9.08 -9.99 9.44
C VAL A 78 -8.07 -9.39 8.45
N GLN A 79 -8.59 -8.77 7.41
CA GLN A 79 -7.74 -8.07 6.46
C GLN A 79 -7.19 -6.81 7.15
N ASP A 80 -5.95 -6.45 6.82
CA ASP A 80 -5.40 -5.15 7.23
C ASP A 80 -6.16 -4.00 6.55
N ILE A 81 -6.13 -2.83 7.16
CA ILE A 81 -6.79 -1.67 6.58
C ILE A 81 -5.84 -0.49 6.67
N GLU A 82 -6.08 0.49 5.83
CA GLU A 82 -5.17 1.60 5.68
C GLU A 82 -5.15 2.52 6.92
N CYS A 83 -6.26 2.62 7.64
CA CYS A 83 -6.35 3.51 8.80
C CYS A 83 -6.14 2.76 10.12
N ASN A 84 -5.00 2.93 10.76
CA ASN A 84 -4.77 2.37 12.11
C ASN A 84 -5.87 2.76 13.11
N ALA A 85 -6.41 3.97 12.98
CA ALA A 85 -7.43 4.47 13.90
C ALA A 85 -8.77 3.75 13.75
N LEU A 86 -8.94 2.97 12.68
CA LEU A 86 -10.14 2.18 12.47
C LEU A 86 -10.00 0.68 12.72
N TRP A 87 -8.77 0.21 12.94
CA TRP A 87 -8.50 -1.22 12.94
C TRP A 87 -9.17 -1.94 14.11
N VAL A 88 -9.23 -1.31 15.28
CA VAL A 88 -9.92 -1.89 16.43
C VAL A 88 -11.44 -1.99 16.14
N GLY A 89 -12.03 -0.93 15.58
CA GLY A 89 -13.42 -0.96 15.13
C GLY A 89 -13.70 -2.06 14.11
N HIS A 90 -12.76 -2.26 13.21
CA HIS A 90 -12.79 -3.34 12.21
C HIS A 90 -12.82 -4.73 12.89
N ILE A 91 -11.88 -4.96 13.80
CA ILE A 91 -11.86 -6.18 14.58
C ILE A 91 -13.18 -6.36 15.33
N LYS A 92 -13.64 -5.33 16.01
CA LYS A 92 -14.87 -5.42 16.80
C LYS A 92 -16.10 -5.86 16.01
N MET A 93 -16.24 -5.32 14.81
CA MET A 93 -17.32 -5.64 13.91
C MET A 93 -17.32 -7.11 13.51
N LEU A 94 -16.13 -7.66 13.37
CA LEU A 94 -15.92 -9.01 12.87
C LEU A 94 -15.92 -10.09 13.96
N THR A 95 -16.03 -9.69 15.22
CA THR A 95 -15.81 -10.62 16.33
C THR A 95 -16.93 -10.59 17.33
N PRO A 96 -17.06 -11.65 18.16
CA PRO A 96 -17.91 -11.56 19.33
C PRO A 96 -17.40 -10.47 20.29
N PRO A 97 -18.21 -10.01 21.25
CA PRO A 97 -17.70 -9.08 22.24
C PRO A 97 -16.57 -9.69 23.06
N PHE A 98 -15.56 -8.91 23.39
CA PHE A 98 -14.43 -9.42 24.15
C PHE A 98 -13.96 -8.42 25.18
N ASP A 99 -13.15 -8.93 26.10
CA ASP A 99 -12.77 -8.21 27.32
C ASP A 99 -11.30 -7.86 27.40
N ARG A 100 -10.45 -8.70 26.83
CA ARG A 100 -9.04 -8.57 27.02
C ARG A 100 -8.31 -8.99 25.79
N VAL A 101 -7.26 -8.23 25.46
CA VAL A 101 -6.44 -8.51 24.29
C VAL A 101 -5.09 -8.98 24.74
N TYR A 102 -4.61 -10.05 24.12
CA TYR A 102 -3.27 -10.58 24.32
C TYR A 102 -2.40 -10.21 23.12
N SER A 103 -1.37 -9.39 23.32
CA SER A 103 -0.43 -9.06 22.26
C SER A 103 0.86 -8.54 22.82
N GLY A 104 1.97 -8.90 22.20
CA GLY A 104 3.27 -8.31 22.45
C GLY A 104 3.62 -7.15 21.52
N ASN A 105 2.72 -6.79 20.58
CA ASN A 105 3.03 -5.80 19.53
C ASN A 105 2.66 -4.41 19.99
N PRO A 106 3.62 -3.46 19.98
CA PRO A 106 3.31 -2.14 20.57
C PRO A 106 2.16 -1.39 19.93
N LEU A 107 2.05 -1.48 18.61
CA LEU A 107 0.92 -0.85 17.90
C LEU A 107 -0.41 -1.47 18.28
N VAL A 108 -0.49 -2.80 18.26
CA VAL A 108 -1.72 -3.50 18.63
C VAL A 108 -2.11 -3.12 20.06
N GLN A 109 -1.12 -3.16 20.96
CA GLN A 109 -1.38 -2.80 22.35
C GLN A 109 -1.97 -1.40 22.50
N ARG A 110 -1.31 -0.44 21.85
CA ARG A 110 -1.73 0.95 22.01
C ARG A 110 -3.08 1.23 21.39
N LEU A 111 -3.35 0.64 20.22
CA LEU A 111 -4.66 0.83 19.57
C LEU A 111 -5.79 0.31 20.47
N PHE A 112 -5.59 -0.86 21.03
CA PHE A 112 -6.61 -1.44 21.90
C PHE A 112 -6.74 -0.70 23.22
N SER A 113 -5.60 -0.33 23.79
CA SER A 113 -5.60 0.45 25.02
C SER A 113 -6.33 1.78 24.88
N GLU A 114 -6.07 2.47 23.77
CA GLU A 114 -6.77 3.74 23.54
C GLU A 114 -8.26 3.57 23.45
N ASP A 115 -8.71 2.42 22.94
CA ASP A 115 -10.14 2.13 22.82
C ASP A 115 -10.76 1.62 24.13
N GLY A 116 -9.97 1.48 25.18
CA GLY A 116 -10.48 1.18 26.52
C GLY A 116 -10.38 -0.30 26.88
N TYR A 117 -9.70 -1.11 26.09
CA TYR A 117 -9.57 -2.54 26.38
C TYR A 117 -8.39 -2.78 27.30
N GLU A 118 -8.53 -3.80 28.14
CA GLU A 118 -7.41 -4.34 28.87
C GLU A 118 -6.50 -5.08 27.89
N VAL A 119 -5.20 -4.85 28.01
CA VAL A 119 -4.21 -5.44 27.14
C VAL A 119 -3.13 -6.07 27.98
N THR A 120 -2.69 -7.27 27.61
CA THR A 120 -1.63 -7.96 28.35
C THR A 120 -0.76 -8.74 27.34
N ALA A 121 0.49 -9.01 27.70
CA ALA A 121 1.40 -9.74 26.82
C ALA A 121 0.95 -11.18 26.80
N PRO A 122 1.33 -11.95 25.76
CA PRO A 122 0.95 -13.36 25.78
C PRO A 122 1.59 -14.07 26.97
N PRO A 123 0.94 -15.11 27.54
CA PRO A 123 1.51 -15.73 28.77
C PRO A 123 2.80 -16.52 28.56
N LEU A 124 3.02 -16.92 27.31
CA LEU A 124 4.14 -17.73 26.93
C LEU A 124 4.78 -17.12 25.69
N PHE A 125 6.09 -17.25 25.66
CA PHE A 125 6.88 -16.96 24.52
C PHE A 125 7.45 -18.29 24.09
N TYR A 126 7.05 -18.74 22.92
CA TYR A 126 7.59 -20.01 22.42
C TYR A 126 9.02 -19.92 21.93
N ARG A 127 9.66 -21.09 21.82
CA ARG A 127 11.06 -21.16 21.48
C ARG A 127 11.30 -20.75 20.02
N ASP A 128 12.54 -20.33 19.77
CA ASP A 128 12.93 -19.77 18.47
C ASP A 128 12.72 -20.71 17.30
N ARG A 129 12.91 -22.00 17.55
CA ARG A 129 12.58 -23.11 16.64
C ARG A 129 11.16 -23.08 16.03
N TYR A 130 10.22 -22.74 16.90
CA TYR A 130 8.86 -22.60 16.49
C TYR A 130 8.73 -21.16 16.14
N SER A 131 9.21 -20.78 14.98
CA SER A 131 8.63 -19.64 14.37
C SER A 131 8.36 -19.91 12.92
N GLY A 132 7.48 -19.06 12.41
CA GLY A 132 7.06 -19.11 11.03
C GLY A 132 8.19 -18.92 10.05
N THR A 133 9.14 -18.05 10.38
CA THR A 133 10.35 -17.85 9.58
C THR A 133 11.10 -19.18 9.38
N GLU A 134 11.29 -19.90 10.47
CA GLU A 134 11.95 -21.19 10.43
C GLU A 134 11.12 -22.20 9.65
N VAL A 135 9.81 -22.24 9.90
CA VAL A 135 8.94 -23.18 9.18
C VAL A 135 9.08 -22.97 7.68
N ARG A 136 8.97 -21.71 7.27
CA ARG A 136 9.00 -21.37 5.82
C ARG A 136 10.36 -21.67 5.18
N ARG A 137 11.43 -21.39 5.93
CA ARG A 137 12.80 -21.71 5.47
C ARG A 137 12.94 -23.21 5.25
N ARG A 138 12.48 -24.01 6.21
CA ARG A 138 12.54 -25.46 6.06
C ARG A 138 11.69 -25.99 4.90
N MET A 139 10.54 -25.37 4.67
CA MET A 139 9.74 -25.75 3.49
C MET A 139 10.52 -25.50 2.22
N LEU A 140 11.18 -24.35 2.15
CA LEU A 140 11.99 -24.03 0.99
C LEU A 140 13.20 -24.94 0.83
N ASP A 141 13.88 -25.24 1.94
CA ASP A 141 15.19 -25.94 1.88
C ASP A 141 15.12 -27.43 2.12
N ASP A 142 13.92 -28.02 2.07
CA ASP A 142 13.72 -29.45 2.37
C ASP A 142 14.21 -29.83 3.78
N GLY A 143 14.06 -28.95 4.75
CA GLY A 143 14.28 -29.26 6.16
C GLY A 143 13.05 -29.92 6.76
N ASP A 144 13.09 -30.15 8.07
CA ASP A 144 12.02 -30.83 8.79
C ASP A 144 10.96 -29.84 9.26
N TRP A 145 10.19 -29.33 8.30
CA TRP A 145 9.12 -28.38 8.61
C TRP A 145 7.95 -29.07 9.30
N ARG A 146 7.69 -30.34 8.94
CA ARG A 146 6.56 -31.07 9.50
C ARG A 146 6.61 -31.21 11.01
N SER A 147 7.82 -31.36 11.55
CA SER A 147 7.97 -31.50 13.01
C SER A 147 7.55 -30.26 13.77
N LEU A 148 7.55 -29.09 13.10
CA LEU A 148 7.20 -27.83 13.76
C LEU A 148 5.71 -27.52 13.75
N LEU A 149 4.94 -28.36 13.11
CA LEU A 149 3.51 -28.15 12.97
C LEU A 149 2.69 -29.28 13.57
N PRO A 150 1.48 -28.97 14.06
CA PRO A 150 0.50 -30.03 14.31
C PRO A 150 0.25 -30.83 13.05
N GLU A 151 0.04 -32.14 13.21
CA GLU A 151 -0.15 -33.00 12.05
C GLU A 151 -1.36 -32.55 11.19
N SER A 152 -2.39 -32.02 11.84
CA SER A 152 -3.56 -31.54 11.11
C SER A 152 -3.19 -30.38 10.13
N VAL A 153 -2.20 -29.56 10.51
CA VAL A 153 -1.73 -28.46 9.66
C VAL A 153 -0.88 -29.00 8.52
N VAL A 154 -0.02 -29.98 8.83
CA VAL A 154 0.71 -30.68 7.79
C VAL A 154 -0.22 -31.17 6.69
N GLU A 155 -1.33 -31.78 7.09
CA GLU A 155 -2.29 -32.34 6.13
C GLU A 155 -2.87 -31.22 5.25
N VAL A 156 -3.13 -30.06 5.85
CA VAL A 156 -3.60 -28.91 5.06
C VAL A 156 -2.54 -28.50 4.03
N ILE A 157 -1.29 -28.36 4.49
CA ILE A 157 -0.20 -27.94 3.61
C ILE A 157 0.02 -28.92 2.44
N ASP A 158 -0.10 -30.22 2.72
CA ASP A 158 -0.04 -31.22 1.66
C ASP A 158 -1.16 -31.03 0.65
N GLU A 159 -2.40 -30.91 1.13
CA GLU A 159 -3.54 -30.81 0.23
C GLU A 159 -3.46 -29.57 -0.70
N ILE A 160 -3.04 -28.44 -0.16
CA ILE A 160 -2.97 -27.18 -0.93
C ILE A 160 -1.66 -26.98 -1.67
N ASN A 161 -0.80 -27.98 -1.66
CA ASN A 161 0.49 -27.93 -2.36
C ASN A 161 1.33 -26.71 -1.92
N GLY A 162 1.35 -26.48 -0.62
CA GLY A 162 2.02 -25.33 -0.01
C GLY A 162 3.52 -25.27 -0.29
N VAL A 163 4.17 -26.44 -0.23
CA VAL A 163 5.62 -26.49 -0.45
C VAL A 163 5.97 -26.17 -1.90
N GLU A 164 5.25 -26.81 -2.83
CA GLU A 164 5.41 -26.51 -4.26
C GLU A 164 5.17 -25.01 -4.53
N ARG A 165 4.16 -24.42 -3.91
CA ARG A 165 3.91 -22.99 -4.09
C ARG A 165 5.13 -22.16 -3.66
N ILE A 166 5.57 -22.36 -2.42
CA ILE A 166 6.63 -21.52 -1.86
C ILE A 166 7.91 -21.69 -2.71
N LYS A 167 8.20 -22.92 -3.13
CA LYS A 167 9.39 -23.15 -3.98
C LYS A 167 9.29 -22.43 -5.33
N HIS A 168 8.12 -22.51 -5.98
CA HIS A 168 7.97 -21.81 -7.24
C HIS A 168 8.13 -20.29 -7.08
N LEU A 169 7.52 -19.74 -6.03
CA LEU A 169 7.57 -18.30 -5.78
C LEU A 169 8.99 -17.81 -5.52
N ALA A 170 9.85 -18.68 -4.98
CA ALA A 170 11.24 -18.30 -4.68
C ALA A 170 12.21 -18.38 -5.87
N LYS A 171 11.75 -18.83 -7.05
CA LYS A 171 12.63 -18.94 -8.24
C LYS A 171 13.06 -17.61 -8.87
N THR B 3 -12.00 37.15 -5.48
CA THR B 3 -11.35 36.48 -4.29
C THR B 3 -10.30 35.48 -4.76
N MET B 4 -9.08 35.70 -4.34
CA MET B 4 -7.94 34.91 -4.74
C MET B 4 -7.65 33.90 -3.61
N ARG B 5 -7.72 32.61 -3.96
CA ARG B 5 -7.55 31.54 -2.97
C ARG B 5 -6.35 30.70 -3.28
N GLY B 6 -5.51 30.52 -2.26
CA GLY B 6 -4.37 29.62 -2.33
C GLY B 6 -4.71 28.25 -1.74
N LEU B 7 -3.89 27.26 -2.06
CA LEU B 7 -3.99 25.95 -1.44
C LEU B 7 -2.62 25.47 -1.01
N LEU B 8 -2.60 24.86 0.16
CA LEU B 8 -1.40 24.30 0.77
C LEU B 8 -1.80 22.89 1.21
N VAL B 9 -0.88 21.95 1.12
CA VAL B 9 -1.14 20.58 1.57
C VAL B 9 0.08 20.01 2.29
N GLY B 10 -0.16 19.45 3.47
CA GLY B 10 0.93 18.86 4.24
C GLY B 10 0.41 17.87 5.28
N LYS B 11 1.24 16.93 5.67
CA LYS B 11 0.89 15.94 6.69
C LYS B 11 0.68 16.59 8.06
N MET B 12 1.55 17.56 8.38
CA MET B 12 1.49 18.29 9.63
C MET B 12 1.36 17.40 10.87
N GLN B 13 2.41 16.62 11.04
CA GLN B 13 2.52 15.60 12.07
C GLN B 13 3.59 15.94 13.13
N PRO B 14 3.32 16.81 14.10
CA PRO B 14 2.16 17.66 14.23
C PRO B 14 2.34 19.02 13.56
N PHE B 15 1.33 19.87 13.72
CA PHE B 15 1.39 21.26 13.29
C PHE B 15 2.38 22.01 14.18
N HIS B 16 3.38 22.64 13.57
CA HIS B 16 4.44 23.34 14.34
C HIS B 16 4.61 24.81 13.87
N ARG B 17 5.49 25.51 14.57
CA ARG B 17 5.67 26.94 14.32
C ARG B 17 6.13 27.26 12.91
N GLY B 18 6.94 26.38 12.32
CA GLY B 18 7.35 26.49 10.92
C GLY B 18 6.19 26.49 9.92
N HIS B 19 5.26 25.56 10.09
CA HIS B 19 4.06 25.54 9.27
C HIS B 19 3.31 26.83 9.37
N LEU B 20 3.17 27.31 10.60
CA LEU B 20 2.44 28.54 10.85
C LEU B 20 3.13 29.77 10.22
N GLN B 21 4.45 29.83 10.32
CA GLN B 21 5.23 30.92 9.67
C GLN B 21 4.95 30.92 8.19
N VAL B 22 4.97 29.72 7.58
CA VAL B 22 4.68 29.63 6.14
C VAL B 22 3.27 30.10 5.78
N ILE B 23 2.29 29.59 6.52
CA ILE B 23 0.88 30.00 6.35
C ILE B 23 0.70 31.51 6.41
N LYS B 24 1.31 32.12 7.40
CA LYS B 24 1.19 33.60 7.52
C LYS B 24 1.80 34.29 6.31
N SER B 25 2.95 33.79 5.82
CA SER B 25 3.56 34.40 4.60
C SER B 25 2.63 34.25 3.40
N ILE B 26 1.95 33.10 3.28
CA ILE B 26 1.06 32.90 2.15
C ILE B 26 -0.14 33.84 2.25
N LEU B 27 -0.63 34.07 3.46
CA LEU B 27 -1.75 34.97 3.67
C LEU B 27 -1.45 36.45 3.33
N GLU B 28 -0.16 36.80 3.18
CA GLU B 28 0.21 38.11 2.62
C GLU B 28 -0.14 38.26 1.14
N GLU B 29 -0.28 37.16 0.41
CA GLU B 29 -0.43 37.23 -1.05
C GLU B 29 -1.69 36.55 -1.60
N VAL B 30 -2.53 36.00 -0.75
CA VAL B 30 -3.84 35.51 -1.17
C VAL B 30 -4.89 36.08 -0.22
N ASP B 31 -6.13 36.12 -0.67
CA ASP B 31 -7.27 36.50 0.17
C ASP B 31 -7.64 35.42 1.18
N GLU B 32 -7.66 34.18 0.72
CA GLU B 32 -7.96 33.04 1.55
C GLU B 32 -7.05 31.87 1.25
N LEU B 33 -6.76 31.06 2.28
CA LEU B 33 -5.90 29.91 2.13
C LEU B 33 -6.66 28.64 2.51
N ILE B 34 -6.69 27.70 1.58
CA ILE B 34 -7.22 26.35 1.84
C ILE B 34 -6.06 25.52 2.32
N ILE B 35 -6.16 25.02 3.54
CA ILE B 35 -5.13 24.23 4.14
C ILE B 35 -5.60 22.78 4.24
N CYS B 36 -4.96 21.90 3.46
CA CYS B 36 -5.29 20.49 3.45
C CYS B 36 -4.31 19.71 4.31
N ILE B 37 -4.87 18.85 5.16
CA ILE B 37 -4.10 17.91 5.96
C ILE B 37 -4.01 16.64 5.13
N GLY B 38 -2.83 16.42 4.56
CA GLY B 38 -2.57 15.27 3.73
C GLY B 38 -2.32 14.02 4.54
N SER B 39 -2.35 12.88 3.85
CA SER B 39 -2.15 11.57 4.49
C SER B 39 -3.02 11.45 5.74
N ALA B 40 -4.27 11.90 5.59
CA ALA B 40 -5.22 11.94 6.67
C ALA B 40 -5.61 10.54 7.18
N GLN B 41 -5.37 9.51 6.35
CA GLN B 41 -5.57 8.11 6.77
C GLN B 41 -4.52 7.57 7.75
N LEU B 42 -3.34 8.18 7.78
CA LEU B 42 -2.21 7.68 8.58
C LEU B 42 -2.25 8.23 10.00
N SER B 43 -2.15 7.32 10.97
CA SER B 43 -1.99 7.66 12.38
C SER B 43 -1.25 6.52 13.07
N HIS B 44 -0.87 6.75 14.32
CA HIS B 44 -0.26 5.74 15.18
C HIS B 44 0.95 5.06 14.61
N SER B 45 1.78 5.84 13.92
CA SER B 45 3.15 5.39 13.61
C SER B 45 4.13 6.47 14.04
N ILE B 46 5.41 6.13 14.02
CA ILE B 46 6.49 7.05 14.45
C ILE B 46 6.54 8.29 13.53
N ARG B 47 6.40 8.09 12.22
CA ARG B 47 6.39 9.20 11.23
C ARG B 47 5.07 9.96 11.20
N ASP B 48 3.96 9.24 11.47
CA ASP B 48 2.63 9.81 11.37
C ASP B 48 1.80 9.47 12.62
N PRO B 49 2.07 10.16 13.73
CA PRO B 49 1.43 9.72 14.99
C PRO B 49 -0.01 10.08 15.17
N PHE B 50 -0.46 11.19 14.58
CA PHE B 50 -1.73 11.78 14.93
C PHE B 50 -2.81 11.57 13.87
N THR B 51 -4.04 11.42 14.35
CA THR B 51 -5.18 11.17 13.45
C THR B 51 -5.51 12.44 12.69
N ALA B 52 -6.34 12.26 11.68
CA ALA B 52 -6.86 13.38 10.94
C ALA B 52 -7.56 14.38 11.86
N GLY B 53 -8.43 13.85 12.72
CA GLY B 53 -9.16 14.67 13.66
C GLY B 53 -8.31 15.44 14.65
N GLU B 54 -7.26 14.80 15.13
CA GLU B 54 -6.33 15.45 16.06
C GLU B 54 -5.62 16.60 15.33
N ARG B 55 -5.26 16.40 14.07
CA ARG B 55 -4.60 17.45 13.31
C ARG B 55 -5.57 18.56 12.95
N VAL B 56 -6.82 18.22 12.64
CA VAL B 56 -7.83 19.26 12.45
C VAL B 56 -7.92 20.15 13.71
N MET B 57 -7.91 19.50 14.88
CA MET B 57 -7.99 20.22 16.15
C MET B 57 -6.78 21.14 16.35
N MET B 58 -5.59 20.61 16.10
CA MET B 58 -4.35 21.37 16.15
C MET B 58 -4.40 22.64 15.29
N LEU B 59 -4.75 22.47 14.02
CA LEU B 59 -4.82 23.61 13.11
C LEU B 59 -5.87 24.61 13.51
N THR B 60 -7.06 24.11 13.88
CA THR B 60 -8.17 24.97 14.22
C THR B 60 -7.81 25.87 15.42
N LYS B 61 -7.20 25.28 16.43
CA LYS B 61 -6.82 26.02 17.64
C LYS B 61 -5.67 26.98 17.38
N ALA B 62 -4.66 26.52 16.65
CA ALA B 62 -3.49 27.34 16.37
C ALA B 62 -3.84 28.56 15.53
N LEU B 63 -4.65 28.36 14.49
CA LEU B 63 -4.99 29.47 13.61
C LEU B 63 -5.88 30.48 14.36
N SER B 64 -6.78 30.00 15.20
CA SER B 64 -7.58 30.87 16.06
C SER B 64 -6.74 31.61 17.13
N GLU B 65 -5.77 30.94 17.74
CA GLU B 65 -4.88 31.52 18.79
C GLU B 65 -4.04 32.66 18.24
N ASN B 66 -3.74 32.64 16.95
CA ASN B 66 -2.77 33.57 16.39
C ASN B 66 -3.41 34.74 15.67
N GLY B 67 -4.67 35.01 15.95
CA GLY B 67 -5.37 36.15 15.42
C GLY B 67 -5.70 36.16 13.95
N ILE B 68 -5.61 35.03 13.25
CA ILE B 68 -5.98 34.98 11.85
C ILE B 68 -7.51 34.86 11.78
N PRO B 69 -8.21 35.78 11.10
CA PRO B 69 -9.66 35.67 11.05
C PRO B 69 -10.15 34.41 10.31
N ALA B 70 -11.22 33.81 10.85
CA ALA B 70 -11.80 32.57 10.34
C ALA B 70 -12.20 32.67 8.88
N SER B 71 -12.58 33.87 8.45
CA SER B 71 -12.90 34.16 7.08
C SER B 71 -11.73 34.00 6.08
N ARG B 72 -10.52 33.80 6.56
CA ARG B 72 -9.36 33.73 5.67
C ARG B 72 -8.81 32.33 5.40
N TYR B 73 -9.41 31.29 6.02
CA TYR B 73 -8.89 29.95 5.83
C TYR B 73 -9.97 28.86 5.91
N TYR B 74 -9.59 27.71 5.38
CA TYR B 74 -10.37 26.48 5.46
C TYR B 74 -9.37 25.40 5.83
N ILE B 75 -9.82 24.44 6.63
CA ILE B 75 -8.99 23.32 7.08
C ILE B 75 -9.70 22.04 6.59
N ILE B 76 -9.03 21.26 5.74
CA ILE B 76 -9.68 20.07 5.15
C ILE B 76 -8.77 18.85 5.20
N PRO B 77 -9.21 17.78 5.87
CA PRO B 77 -8.44 16.53 5.82
C PRO B 77 -8.59 15.82 4.47
N VAL B 78 -7.49 15.33 3.93
CA VAL B 78 -7.45 14.68 2.62
C VAL B 78 -6.70 13.36 2.73
N GLN B 79 -7.43 12.25 2.60
CA GLN B 79 -6.77 10.93 2.56
C GLN B 79 -5.99 10.79 1.25
N ASP B 80 -4.86 10.10 1.32
CA ASP B 80 -4.12 9.74 0.12
C ASP B 80 -4.97 8.73 -0.71
N ILE B 81 -4.66 8.64 -1.99
CA ILE B 81 -5.33 7.67 -2.85
C ILE B 81 -4.29 6.97 -3.70
N GLU B 82 -4.65 5.79 -4.20
CA GLU B 82 -3.69 4.95 -4.95
C GLU B 82 -3.28 5.56 -6.31
N CYS B 83 -4.19 6.30 -6.94
CA CYS B 83 -3.90 6.88 -8.27
C CYS B 83 -3.45 8.34 -8.19
N ASN B 84 -2.17 8.59 -8.44
CA ASN B 84 -1.67 9.98 -8.52
C ASN B 84 -2.45 10.80 -9.52
N ALA B 85 -2.90 10.19 -10.61
CA ALA B 85 -3.62 10.92 -11.66
C ALA B 85 -5.00 11.43 -11.23
N LEU B 86 -5.51 10.94 -10.10
CA LEU B 86 -6.80 11.34 -9.59
C LEU B 86 -6.72 12.27 -8.37
N TRP B 87 -5.51 12.43 -7.82
CA TRP B 87 -5.36 13.11 -6.52
C TRP B 87 -5.78 14.58 -6.58
N VAL B 88 -5.46 15.28 -7.66
CA VAL B 88 -5.90 16.67 -7.83
C VAL B 88 -7.45 16.76 -7.89
N GLY B 89 -8.08 15.86 -8.65
CA GLY B 89 -9.55 15.75 -8.65
C GLY B 89 -10.15 15.48 -7.28
N HIS B 90 -9.50 14.61 -6.51
CA HIS B 90 -9.85 14.33 -5.15
C HIS B 90 -9.81 15.60 -4.26
N ILE B 91 -8.69 16.32 -4.32
CA ILE B 91 -8.56 17.61 -3.61
C ILE B 91 -9.66 18.57 -4.03
N LYS B 92 -9.85 18.70 -5.34
CA LYS B 92 -10.85 19.65 -5.86
C LYS B 92 -12.27 19.42 -5.34
N MET B 93 -12.65 18.15 -5.27
CA MET B 93 -13.96 17.74 -4.71
C MET B 93 -14.14 18.11 -3.24
N LEU B 94 -13.04 18.07 -2.49
CA LEU B 94 -13.06 18.29 -1.06
C LEU B 94 -12.84 19.76 -0.63
N THR B 95 -12.61 20.66 -1.59
CA THR B 95 -12.19 22.03 -1.25
C THR B 95 -13.04 23.05 -1.95
N PRO B 96 -13.03 24.30 -1.45
CA PRO B 96 -13.56 25.40 -2.23
C PRO B 96 -12.79 25.57 -3.53
N PRO B 97 -13.35 26.28 -4.52
CA PRO B 97 -12.54 26.61 -5.69
C PRO B 97 -11.29 27.44 -5.34
N PHE B 98 -10.17 27.14 -6.00
CA PHE B 98 -8.93 27.83 -5.72
C PHE B 98 -8.17 28.15 -6.99
N ASP B 99 -7.21 29.05 -6.83
CA ASP B 99 -6.49 29.68 -7.94
C ASP B 99 -5.03 29.30 -8.03
N ARG B 100 -4.39 29.04 -6.89
CA ARG B 100 -2.96 28.83 -6.88
C ARG B 100 -2.56 27.86 -5.80
N VAL B 101 -1.61 27.01 -6.12
CA VAL B 101 -1.12 26.01 -5.20
C VAL B 101 0.29 26.37 -4.77
N TYR B 102 0.54 26.23 -3.47
CA TYR B 102 1.85 26.42 -2.89
C TYR B 102 2.41 25.09 -2.47
N SER B 103 3.51 24.67 -3.09
CA SER B 103 4.19 23.47 -2.70
C SER B 103 5.61 23.46 -3.19
N GLY B 104 6.51 22.88 -2.38
CA GLY B 104 7.86 22.58 -2.82
C GLY B 104 8.07 21.16 -3.30
N ASN B 105 7.02 20.35 -3.29
CA ASN B 105 7.16 18.95 -3.62
C ASN B 105 7.01 18.74 -5.13
N PRO B 106 8.00 18.11 -5.79
CA PRO B 106 7.91 17.98 -7.25
C PRO B 106 6.64 17.25 -7.78
N LEU B 107 6.22 16.20 -7.09
CA LEU B 107 5.02 15.46 -7.50
C LEU B 107 3.76 16.32 -7.36
N VAL B 108 3.60 16.97 -6.20
CA VAL B 108 2.45 17.86 -5.99
C VAL B 108 2.46 18.96 -7.05
N GLN B 109 3.63 19.56 -7.29
CA GLN B 109 3.72 20.61 -8.30
C GLN B 109 3.27 20.15 -9.68
N ARG B 110 3.83 19.02 -10.10
CA ARG B 110 3.56 18.53 -11.43
C ARG B 110 2.11 18.11 -11.61
N LEU B 111 1.55 17.45 -10.62
CA LEU B 111 0.13 17.04 -10.71
C LEU B 111 -0.79 18.24 -10.89
N PHE B 112 -0.55 19.29 -10.08
CA PHE B 112 -1.36 20.48 -10.18
C PHE B 112 -1.12 21.27 -11.46
N SER B 113 0.16 21.35 -11.89
CA SER B 113 0.48 22.05 -13.14
C SER B 113 -0.17 21.34 -14.36
N GLU B 114 -0.13 20.00 -14.36
CA GLU B 114 -0.78 19.26 -15.47
C GLU B 114 -2.26 19.51 -15.55
N ASP B 115 -2.90 19.77 -14.40
CA ASP B 115 -4.33 20.10 -14.35
C ASP B 115 -4.64 21.57 -14.63
N GLY B 116 -3.63 22.39 -14.87
CA GLY B 116 -3.83 23.76 -15.32
C GLY B 116 -3.76 24.80 -14.21
N TYR B 117 -3.35 24.41 -13.00
CA TYR B 117 -3.27 25.36 -11.90
C TYR B 117 -1.92 26.07 -11.93
N GLU B 118 -1.92 27.32 -11.46
CA GLU B 118 -0.69 27.98 -11.13
C GLU B 118 -0.10 27.35 -9.87
N VAL B 119 1.19 27.07 -9.90
CA VAL B 119 1.91 26.44 -8.81
C VAL B 119 3.14 27.27 -8.49
N THR B 120 3.41 27.45 -7.20
CA THR B 120 4.62 28.16 -6.78
C THR B 120 5.16 27.53 -5.51
N ALA B 121 6.44 27.72 -5.25
CA ALA B 121 7.04 27.25 -4.03
C ALA B 121 6.47 28.06 -2.85
N PRO B 122 6.49 27.48 -1.63
CA PRO B 122 6.10 28.30 -0.49
C PRO B 122 7.01 29.55 -0.37
N PRO B 123 6.50 30.64 0.19
CA PRO B 123 7.34 31.85 0.27
C PRO B 123 8.53 31.75 1.23
N LEU B 124 8.45 30.80 2.15
CA LEU B 124 9.47 30.56 3.17
C LEU B 124 9.80 29.08 3.26
N PHE B 125 11.07 28.81 3.55
CA PHE B 125 11.57 27.46 3.85
C PHE B 125 12.16 27.50 5.26
N TYR B 126 11.68 26.64 6.15
CA TYR B 126 12.22 26.52 7.50
C TYR B 126 13.30 25.42 7.56
N ARG B 127 14.25 25.58 8.47
CA ARG B 127 15.34 24.60 8.62
C ARG B 127 14.87 23.33 9.35
N ASP B 128 15.69 22.28 9.24
CA ASP B 128 15.36 20.93 9.73
C ASP B 128 15.09 20.88 11.22
N ARG B 129 15.83 21.68 12.00
CA ARG B 129 15.67 21.75 13.46
C ARG B 129 14.35 22.31 13.95
N TYR B 130 13.54 22.86 13.05
CA TYR B 130 12.20 23.32 13.38
C TYR B 130 11.09 22.40 12.82
N SER B 131 11.48 21.30 12.21
CA SER B 131 10.57 20.45 11.41
C SER B 131 9.88 19.38 12.26
N GLY B 132 8.93 18.70 11.64
CA GLY B 132 8.19 17.59 12.28
C GLY B 132 9.07 16.46 12.73
N THR B 133 10.08 16.14 11.94
CA THR B 133 11.05 15.10 12.29
C THR B 133 11.71 15.44 13.63
N GLU B 134 12.12 16.70 13.77
CA GLU B 134 12.74 17.16 15.01
C GLU B 134 11.73 17.17 16.15
N VAL B 135 10.52 17.65 15.88
CA VAL B 135 9.46 17.64 16.92
C VAL B 135 9.23 16.22 17.47
N ARG B 136 9.06 15.28 16.56
CA ARG B 136 8.76 13.90 16.95
C ARG B 136 9.93 13.23 17.69
N ARG B 137 11.15 13.50 17.24
CA ARG B 137 12.36 13.01 17.90
C ARG B 137 12.41 13.52 19.34
N ARG B 138 12.17 14.82 19.51
CA ARG B 138 12.17 15.41 20.86
C ARG B 138 11.05 14.86 21.76
N MET B 139 9.87 14.60 21.18
CA MET B 139 8.80 13.95 21.95
C MET B 139 9.26 12.59 22.46
N LEU B 140 9.91 11.82 21.58
CA LEU B 140 10.44 10.51 21.93
C LEU B 140 11.55 10.60 22.99
N ASP B 141 12.47 11.55 22.83
CA ASP B 141 13.71 11.60 23.63
C ASP B 141 13.68 12.56 24.80
N ASP B 142 12.50 13.06 25.16
CA ASP B 142 12.35 14.05 26.22
C ASP B 142 13.15 15.34 25.96
N GLY B 143 13.24 15.75 24.70
CA GLY B 143 13.79 17.05 24.33
C GLY B 143 12.74 18.12 24.47
N ASP B 144 13.10 19.34 24.07
CA ASP B 144 12.20 20.46 24.17
C ASP B 144 11.30 20.57 22.90
N TRP B 145 10.35 19.65 22.81
CA TRP B 145 9.38 19.66 21.72
C TRP B 145 8.39 20.80 21.85
N ARG B 146 8.03 21.17 23.07
CA ARG B 146 7.04 22.22 23.28
C ARG B 146 7.45 23.57 22.65
N SER B 147 8.75 23.86 22.70
CA SER B 147 9.26 25.14 22.18
C SER B 147 9.07 25.27 20.66
N LEU B 148 8.92 24.13 19.96
CA LEU B 148 8.74 24.13 18.52
C LEU B 148 7.28 24.26 18.05
N LEU B 149 6.35 24.30 18.98
CA LEU B 149 4.94 24.33 18.68
C LEU B 149 4.28 25.54 19.24
N PRO B 150 3.24 26.04 18.55
CA PRO B 150 2.32 26.95 19.21
C PRO B 150 1.71 26.33 20.47
N GLU B 151 1.50 27.16 21.49
CA GLU B 151 1.04 26.61 22.77
C GLU B 151 -0.33 25.91 22.64
N SER B 152 -1.16 26.39 21.72
CA SER B 152 -2.45 25.78 21.47
C SER B 152 -2.31 24.31 20.98
N VAL B 153 -1.24 24.03 20.25
CA VAL B 153 -0.94 22.67 19.77
C VAL B 153 -0.43 21.82 20.91
N VAL B 154 0.46 22.39 21.72
CA VAL B 154 0.91 21.71 22.95
C VAL B 154 -0.30 21.21 23.78
N GLU B 155 -1.29 22.08 23.94
CA GLU B 155 -2.49 21.76 24.72
C GLU B 155 -3.27 20.59 24.10
N VAL B 156 -3.35 20.57 22.76
CA VAL B 156 -3.95 19.40 22.07
C VAL B 156 -3.16 18.15 22.36
N ILE B 157 -1.84 18.22 22.21
CA ILE B 157 -0.99 17.06 22.43
C ILE B 157 -1.12 16.51 23.87
N ASP B 158 -1.21 17.41 24.85
CA ASP B 158 -1.42 17.01 26.25
C ASP B 158 -2.77 16.28 26.41
N GLU B 159 -3.84 16.84 25.85
CA GLU B 159 -5.16 16.26 25.98
C GLU B 159 -5.26 14.85 25.38
N ILE B 160 -4.67 14.65 24.22
CA ILE B 160 -4.74 13.35 23.52
C ILE B 160 -3.65 12.37 23.92
N ASN B 161 -2.82 12.71 24.91
CA ASN B 161 -1.73 11.88 25.37
C ASN B 161 -0.77 11.50 24.23
N GLY B 162 -0.43 12.48 23.39
CA GLY B 162 0.40 12.26 22.22
C GLY B 162 1.78 11.73 22.50
N VAL B 163 2.40 12.25 23.57
CA VAL B 163 3.76 11.81 23.92
C VAL B 163 3.75 10.36 24.37
N GLU B 164 2.82 10.04 25.25
CA GLU B 164 2.62 8.67 25.73
C GLU B 164 2.45 7.72 24.53
N ARG B 165 1.61 8.15 23.58
CA ARG B 165 1.35 7.30 22.39
C ARG B 165 2.62 7.04 21.64
N ILE B 166 3.36 8.11 21.29
CA ILE B 166 4.54 7.91 20.45
C ILE B 166 5.60 7.10 21.18
N LYS B 167 5.75 7.31 22.49
CA LYS B 167 6.71 6.49 23.27
C LYS B 167 6.31 5.00 23.27
N HIS B 168 5.03 4.72 23.46
CA HIS B 168 4.59 3.30 23.45
C HIS B 168 4.83 2.65 22.09
N LEU B 169 4.50 3.39 21.02
CA LEU B 169 4.69 2.88 19.67
C LEU B 169 6.14 2.59 19.33
N ALA B 170 7.08 3.35 19.94
CA ALA B 170 8.51 3.16 19.68
C ALA B 170 9.18 2.01 20.49
N LYS B 171 8.46 1.33 21.37
CA LYS B 171 9.05 0.23 22.19
C LYS B 171 9.41 -1.03 21.41
N THR C 3 -10.50 -21.08 -31.49
CA THR C 3 -9.64 -19.86 -31.39
C THR C 3 -8.76 -19.95 -30.12
N MET C 4 -7.44 -19.91 -30.32
CA MET C 4 -6.46 -19.98 -29.26
C MET C 4 -6.07 -18.56 -28.89
N ARG C 5 -6.30 -18.19 -27.63
CA ARG C 5 -6.01 -16.84 -27.15
C ARG C 5 -4.96 -16.89 -26.06
N GLY C 6 -3.91 -16.10 -26.28
CA GLY C 6 -2.86 -15.91 -25.30
C GLY C 6 -3.11 -14.68 -24.47
N LEU C 7 -2.44 -14.59 -23.36
CA LEU C 7 -2.45 -13.41 -22.52
C LEU C 7 -1.05 -13.04 -22.07
N LEU C 8 -0.78 -11.74 -22.07
CA LEU C 8 0.46 -11.14 -21.65
C LEU C 8 0.10 -10.01 -20.70
N VAL C 9 0.89 -9.79 -19.66
CA VAL C 9 0.68 -8.69 -18.74
C VAL C 9 1.99 -8.00 -18.37
N GLY C 10 2.00 -6.68 -18.49
CA GLY C 10 3.21 -5.89 -18.14
C GLY C 10 2.85 -4.45 -17.85
N LYS C 11 3.70 -3.78 -17.10
CA LYS C 11 3.52 -2.36 -16.76
C LYS C 11 3.67 -1.47 -17.97
N MET C 12 4.63 -1.82 -18.82
CA MET C 12 4.90 -1.11 -20.07
C MET C 12 5.00 0.40 -19.87
N GLN C 13 6.01 0.75 -19.09
CA GLN C 13 6.28 2.12 -18.70
C GLN C 13 7.58 2.70 -19.33
N PRO C 14 7.59 3.11 -20.60
CA PRO C 14 6.53 3.02 -21.58
C PRO C 14 6.59 1.75 -22.41
N PHE C 15 5.72 1.66 -23.40
CA PHE C 15 5.77 0.59 -24.40
C PHE C 15 6.96 0.81 -25.30
N HIS C 16 7.81 -0.19 -25.44
CA HIS C 16 9.05 -0.05 -26.22
C HIS C 16 9.20 -1.16 -27.26
N ARG C 17 10.25 -1.05 -28.06
CA ARG C 17 10.46 -2.01 -29.16
C ARG C 17 10.58 -3.45 -28.71
N GLY C 18 11.19 -3.67 -27.56
CA GLY C 18 11.27 -4.99 -26.94
C GLY C 18 9.95 -5.64 -26.68
N HIS C 19 9.03 -4.88 -26.06
CA HIS C 19 7.66 -5.40 -25.85
C HIS C 19 7.02 -5.81 -27.15
N LEU C 20 7.19 -4.98 -28.16
CA LEU C 20 6.62 -5.25 -29.45
C LEU C 20 7.21 -6.51 -30.11
N GLN C 21 8.55 -6.66 -30.03
CA GLN C 21 9.21 -7.88 -30.56
C GLN C 21 8.60 -9.12 -29.93
N VAL C 22 8.41 -9.07 -28.60
CA VAL C 22 7.85 -10.22 -27.88
C VAL C 22 6.42 -10.51 -28.36
N ILE C 23 5.60 -9.46 -28.40
CA ILE C 23 4.21 -9.56 -28.90
C ILE C 23 4.14 -10.23 -30.28
N LYS C 24 4.98 -9.76 -31.20
CA LYS C 24 4.98 -10.35 -32.55
C LYS C 24 5.35 -11.84 -32.51
N SER C 25 6.33 -12.21 -31.68
CA SER C 25 6.67 -13.63 -31.53
C SER C 25 5.50 -14.45 -31.00
N ILE C 26 4.78 -13.91 -30.02
CA ILE C 26 3.63 -14.64 -29.47
C ILE C 26 2.55 -14.84 -30.52
N LEU C 27 2.34 -13.83 -31.36
CA LEU C 27 1.34 -13.90 -32.40
C LEU C 27 1.64 -14.96 -33.48
N GLU C 28 2.88 -15.49 -33.50
CA GLU C 28 3.16 -16.62 -34.35
C GLU C 28 2.51 -17.89 -33.84
N GLU C 29 2.19 -17.97 -32.54
CA GLU C 29 1.75 -19.25 -31.95
C GLU C 29 0.35 -19.19 -31.28
N VAL C 30 -0.33 -18.06 -31.36
CA VAL C 30 -1.72 -17.96 -30.90
C VAL C 30 -2.49 -17.27 -32.00
N ASP C 31 -3.80 -17.46 -32.00
CA ASP C 31 -4.69 -16.72 -32.90
C ASP C 31 -4.85 -15.26 -32.50
N GLU C 32 -5.05 -15.04 -31.19
CA GLU C 32 -5.24 -13.70 -30.67
C GLU C 32 -4.48 -13.54 -29.37
N LEU C 33 -4.02 -12.33 -29.12
CA LEU C 33 -3.31 -12.01 -27.91
C LEU C 33 -4.02 -10.91 -27.12
N ILE C 34 -4.29 -11.22 -25.87
CA ILE C 34 -4.82 -10.25 -24.88
C ILE C 34 -3.63 -9.62 -24.21
N ILE C 35 -3.47 -8.32 -24.39
CA ILE C 35 -2.37 -7.58 -23.80
C ILE C 35 -2.90 -6.72 -22.65
N CYS C 36 -2.52 -7.07 -21.41
CA CYS C 36 -2.92 -6.33 -20.23
C CYS C 36 -1.83 -5.36 -19.80
N ILE C 37 -2.23 -4.14 -19.48
CA ILE C 37 -1.36 -3.12 -18.94
C ILE C 37 -1.50 -3.20 -17.44
N GLY C 38 -0.51 -3.78 -16.80
CA GLY C 38 -0.50 -3.97 -15.35
C GLY C 38 -0.16 -2.70 -14.60
N SER C 39 -0.40 -2.71 -13.30
CA SER C 39 -0.17 -1.55 -12.43
C SER C 39 -0.76 -0.28 -13.07
N ALA C 40 -1.98 -0.42 -13.61
CA ALA C 40 -2.63 0.65 -14.30
C ALA C 40 -2.96 1.84 -13.36
N GLN C 41 -2.97 1.61 -12.05
CA GLN C 41 -3.20 2.68 -11.05
C GLN C 41 -1.98 3.60 -10.86
N LEU C 42 -0.79 3.14 -11.22
CA LEU C 42 0.47 3.87 -10.97
C LEU C 42 0.81 4.81 -12.12
N SER C 43 1.06 6.06 -11.77
CA SER C 43 1.53 7.07 -12.71
C SER C 43 2.32 8.12 -11.91
N HIS C 44 3.01 8.99 -12.64
CA HIS C 44 3.70 10.12 -12.08
C HIS C 44 4.74 9.75 -11.02
N SER C 45 5.44 8.65 -11.22
CA SER C 45 6.69 8.36 -10.48
C SER C 45 7.79 8.07 -11.46
N ILE C 46 9.03 8.04 -10.98
CA ILE C 46 10.21 7.72 -11.79
C ILE C 46 10.13 6.33 -12.41
N ARG C 47 9.71 5.34 -11.64
CA ARG C 47 9.54 3.97 -12.16
C ARG C 47 8.26 3.75 -13.00
N ASP C 48 7.22 4.52 -12.69
CA ASP C 48 5.92 4.38 -13.35
C ASP C 48 5.38 5.74 -13.79
N PRO C 49 5.92 6.31 -14.88
CA PRO C 49 5.60 7.71 -15.17
C PRO C 49 4.22 7.94 -15.80
N PHE C 50 3.71 6.95 -16.55
CA PHE C 50 2.58 7.17 -17.47
C PHE C 50 1.30 6.56 -16.94
N THR C 51 0.20 7.25 -17.24
CA THR C 51 -1.09 6.81 -16.78
C THR C 51 -1.54 5.60 -17.57
N ALA C 52 -2.59 4.99 -17.08
CA ALA C 52 -3.23 3.86 -17.78
C ALA C 52 -3.63 4.27 -19.20
N GLY C 53 -4.29 5.41 -19.30
CA GLY C 53 -4.75 5.96 -20.55
C GLY C 53 -3.64 6.29 -21.55
N GLU C 54 -2.55 6.82 -21.04
CA GLU C 54 -1.40 7.11 -21.89
C GLU C 54 -0.79 5.81 -22.43
N ARG C 55 -0.76 4.77 -21.60
CA ARG C 55 -0.23 3.51 -22.05
C ARG C 55 -1.18 2.81 -23.02
N VAL C 56 -2.48 2.92 -22.78
CA VAL C 56 -3.45 2.41 -23.74
C VAL C 56 -3.22 3.08 -25.12
N MET C 57 -3.01 4.39 -25.09
CA MET C 57 -2.73 5.14 -26.31
C MET C 57 -1.48 4.63 -27.02
N MET C 58 -0.41 4.47 -26.24
CA MET C 58 0.87 3.94 -26.77
C MET C 58 0.69 2.61 -27.47
N LEU C 59 0.07 1.65 -26.77
CA LEU C 59 -0.13 0.32 -27.35
C LEU C 59 -1.02 0.38 -28.59
N THR C 60 -2.10 1.14 -28.50
CA THR C 60 -3.09 1.19 -29.59
C THR C 60 -2.44 1.72 -30.87
N LYS C 61 -1.66 2.79 -30.72
CA LYS C 61 -0.97 3.40 -31.86
C LYS C 61 0.13 2.52 -32.40
N ALA C 62 0.92 1.93 -31.51
CA ALA C 62 2.04 1.09 -31.94
C ALA C 62 1.58 -0.18 -32.67
N LEU C 63 0.56 -0.84 -32.15
CA LEU C 63 0.09 -2.09 -32.74
C LEU C 63 -0.56 -1.81 -34.09
N SER C 64 -1.27 -0.68 -34.20
CA SER C 64 -1.83 -0.27 -35.48
C SER C 64 -0.73 0.22 -36.49
N GLU C 65 0.32 0.89 -36.04
CA GLU C 65 1.46 1.32 -36.89
C GLU C 65 2.24 0.15 -37.52
N ASN C 66 2.25 -0.99 -36.86
CA ASN C 66 3.10 -2.09 -37.24
C ASN C 66 2.37 -3.18 -38.01
N GLY C 67 1.21 -2.84 -38.56
CA GLY C 67 0.46 -3.73 -39.43
C GLY C 67 -0.20 -4.95 -38.81
N ILE C 68 -0.30 -5.03 -37.48
CA ILE C 68 -0.94 -6.17 -36.85
C ILE C 68 -2.45 -5.95 -36.95
N PRO C 69 -3.19 -6.86 -37.58
CA PRO C 69 -4.64 -6.61 -37.69
C PRO C 69 -5.34 -6.52 -36.33
N ALA C 70 -6.29 -5.59 -36.23
CA ALA C 70 -7.05 -5.34 -35.02
C ALA C 70 -7.76 -6.58 -34.49
N SER C 71 -8.14 -7.46 -35.39
CA SER C 71 -8.76 -8.74 -35.06
C SER C 71 -7.85 -9.71 -34.25
N ARG C 72 -6.57 -9.40 -34.10
CA ARG C 72 -5.66 -10.31 -33.43
C ARG C 72 -5.28 -9.92 -32.02
N TYR C 73 -5.77 -8.79 -31.51
CA TYR C 73 -5.39 -8.38 -30.15
C TYR C 73 -6.46 -7.57 -29.42
N TYR C 74 -6.27 -7.50 -28.11
CA TYR C 74 -7.07 -6.69 -27.21
C TYR C 74 -6.08 -6.00 -26.26
N ILE C 75 -6.40 -4.78 -25.86
CA ILE C 75 -5.56 -4.00 -24.97
C ILE C 75 -6.38 -3.64 -23.75
N ILE C 76 -5.97 -4.08 -22.57
CA ILE C 76 -6.79 -3.90 -21.39
C ILE C 76 -5.99 -3.43 -20.19
N PRO C 77 -6.37 -2.28 -19.61
CA PRO C 77 -5.70 -1.82 -18.39
C PRO C 77 -6.16 -2.60 -17.18
N VAL C 78 -5.25 -2.99 -16.33
CA VAL C 78 -5.54 -3.78 -15.14
C VAL C 78 -4.86 -3.16 -13.92
N GLN C 79 -5.66 -2.60 -13.00
CA GLN C 79 -5.11 -2.11 -11.75
C GLN C 79 -4.65 -3.28 -10.89
N ASP C 80 -3.58 -3.10 -10.15
CA ASP C 80 -3.16 -4.05 -9.14
C ASP C 80 -4.22 -4.11 -8.02
N ILE C 81 -4.22 -5.21 -7.30
CA ILE C 81 -5.13 -5.33 -6.15
C ILE C 81 -4.36 -5.92 -4.98
N GLU C 82 -4.88 -5.66 -3.80
CA GLU C 82 -4.18 -6.01 -2.60
C GLU C 82 -4.08 -7.55 -2.38
N CYS C 83 -5.06 -8.30 -2.87
CA CYS C 83 -5.07 -9.76 -2.68
C CYS C 83 -4.53 -10.52 -3.90
N ASN C 84 -3.32 -11.09 -3.78
CA ASN C 84 -2.78 -11.95 -4.85
C ASN C 84 -3.73 -13.07 -5.24
N ALA C 85 -4.46 -13.61 -4.26
CA ALA C 85 -5.40 -14.72 -4.52
C ALA C 85 -6.61 -14.33 -5.39
N LEU C 86 -6.83 -13.05 -5.59
CA LEU C 86 -7.93 -12.55 -6.43
C LEU C 86 -7.51 -11.97 -7.76
N TRP C 87 -6.20 -11.85 -7.97
CA TRP C 87 -5.73 -11.12 -9.16
C TRP C 87 -6.06 -11.80 -10.48
N VAL C 88 -5.97 -13.12 -10.52
CA VAL C 88 -6.35 -13.87 -11.72
C VAL C 88 -7.85 -13.67 -12.01
N GLY C 89 -8.69 -13.79 -10.99
CA GLY C 89 -10.15 -13.49 -11.13
C GLY C 89 -10.43 -12.07 -11.65
N HIS C 90 -9.65 -11.13 -11.14
CA HIS C 90 -9.69 -9.74 -11.60
C HIS C 90 -9.36 -9.60 -13.11
N ILE C 91 -8.26 -10.20 -13.53
CA ILE C 91 -7.90 -10.26 -14.95
C ILE C 91 -9.02 -10.91 -15.78
N LYS C 92 -9.50 -12.06 -15.30
CA LYS C 92 -10.51 -12.79 -16.04
C LYS C 92 -11.79 -11.99 -16.33
N MET C 93 -12.23 -11.23 -15.34
CA MET C 93 -13.40 -10.36 -15.43
C MET C 93 -13.21 -9.25 -16.48
N LEU C 94 -11.97 -8.80 -16.63
CA LEU C 94 -11.63 -7.68 -17.50
C LEU C 94 -11.22 -8.09 -18.92
N THR C 95 -11.21 -9.38 -19.23
CA THR C 95 -10.67 -9.84 -20.48
C THR C 95 -11.60 -10.78 -21.21
N PRO C 96 -11.37 -10.99 -22.51
CA PRO C 96 -12.00 -12.10 -23.20
C PRO C 96 -11.53 -13.42 -22.61
N PRO C 97 -12.26 -14.53 -22.86
CA PRO C 97 -11.74 -15.81 -22.43
C PRO C 97 -10.39 -16.12 -23.08
N PHE C 98 -9.49 -16.73 -22.32
CA PHE C 98 -8.17 -17.08 -22.87
C PHE C 98 -7.71 -18.44 -22.41
N ASP C 99 -6.68 -18.92 -23.10
CA ASP C 99 -6.22 -20.31 -22.97
C ASP C 99 -4.84 -20.45 -22.35
N ARG C 100 -3.97 -19.47 -22.56
CA ARG C 100 -2.56 -19.60 -22.21
C ARG C 100 -1.99 -18.28 -21.82
N VAL C 101 -1.21 -18.28 -20.76
CA VAL C 101 -0.57 -17.10 -20.24
C VAL C 101 0.94 -17.17 -20.54
N TYR C 102 1.48 -16.05 -21.04
CA TYR C 102 2.92 -15.88 -21.30
C TYR C 102 3.50 -14.97 -20.22
N SER C 103 4.39 -15.49 -19.39
CA SER C 103 5.06 -14.71 -18.38
C SER C 103 6.32 -15.40 -17.91
N GLY C 104 7.35 -14.61 -17.64
CA GLY C 104 8.57 -15.07 -16.98
C GLY C 104 8.57 -14.85 -15.49
N ASN C 105 7.50 -14.27 -14.93
CA ASN C 105 7.47 -13.88 -13.55
C ASN C 105 6.94 -15.01 -12.67
N PRO C 106 7.72 -15.44 -11.66
CA PRO C 106 7.27 -16.59 -10.84
C PRO C 106 5.89 -16.43 -10.16
N LEU C 107 5.59 -15.26 -9.63
CA LEU C 107 4.28 -15.02 -9.01
C LEU C 107 3.15 -15.12 -10.05
N VAL C 108 3.32 -14.45 -11.18
CA VAL C 108 2.28 -14.46 -12.23
C VAL C 108 2.08 -15.89 -12.71
N GLN C 109 3.20 -16.59 -12.94
CA GLN C 109 3.09 -17.99 -13.33
C GLN C 109 2.29 -18.84 -12.34
N ARG C 110 2.64 -18.73 -11.06
CA ARG C 110 2.06 -19.57 -10.05
C ARG C 110 0.57 -19.26 -9.81
N LEU C 111 0.23 -17.97 -9.82
CA LEU C 111 -1.17 -17.58 -9.66
C LEU C 111 -2.03 -18.15 -10.80
N PHE C 112 -1.55 -18.03 -12.03
CA PHE C 112 -2.30 -18.55 -13.18
C PHE C 112 -2.33 -20.09 -13.20
N SER C 113 -1.19 -20.70 -12.87
CA SER C 113 -1.13 -22.16 -12.79
C SER C 113 -2.11 -22.74 -11.75
N GLU C 114 -2.17 -22.11 -10.59
CA GLU C 114 -3.08 -22.56 -9.51
C GLU C 114 -4.54 -22.46 -9.94
N ASP C 115 -4.85 -21.51 -10.83
CA ASP C 115 -6.20 -21.38 -11.37
C ASP C 115 -6.49 -22.27 -12.57
N GLY C 116 -5.53 -23.08 -13.00
CA GLY C 116 -5.77 -24.11 -14.01
C GLY C 116 -5.37 -23.66 -15.41
N TYR C 117 -4.72 -22.51 -15.56
CA TYR C 117 -4.28 -22.09 -16.88
C TYR C 117 -2.93 -22.69 -17.27
N GLU C 118 -2.76 -22.90 -18.56
CA GLU C 118 -1.44 -23.21 -19.11
C GLU C 118 -0.60 -21.92 -19.05
N VAL C 119 0.64 -22.04 -18.61
CA VAL C 119 1.54 -20.93 -18.48
C VAL C 119 2.86 -21.28 -19.17
N THR C 120 3.43 -20.35 -19.90
CA THR C 120 4.73 -20.55 -20.54
C THR C 120 5.53 -19.24 -20.54
N ALA C 121 6.84 -19.35 -20.68
CA ALA C 121 7.72 -18.20 -20.70
C ALA C 121 7.49 -17.48 -22.03
N PRO C 122 7.79 -16.19 -22.10
CA PRO C 122 7.69 -15.53 -23.39
C PRO C 122 8.67 -16.18 -24.43
N PRO C 123 8.35 -16.14 -25.73
CA PRO C 123 9.25 -16.78 -26.72
C PRO C 123 10.61 -16.09 -26.91
N LEU C 124 10.70 -14.84 -26.50
CA LEU C 124 11.87 -14.00 -26.61
C LEU C 124 12.14 -13.26 -25.32
N PHE C 125 13.42 -13.06 -25.03
CA PHE C 125 13.90 -12.23 -23.94
C PHE C 125 14.77 -11.12 -24.53
N TYR C 126 14.42 -9.86 -24.23
CA TYR C 126 15.21 -8.71 -24.67
C TYR C 126 16.22 -8.29 -23.59
N ARG C 127 17.36 -7.76 -24.01
CA ARG C 127 18.41 -7.35 -23.07
C ARG C 127 18.05 -6.06 -22.32
N ASP C 128 18.75 -5.81 -21.23
CA ASP C 128 18.47 -4.67 -20.33
C ASP C 128 18.54 -3.31 -21.00
N ARG C 129 19.49 -3.15 -21.92
CA ARG C 129 19.66 -1.89 -22.65
C ARG C 129 18.53 -1.53 -23.59
N TYR C 130 17.57 -2.43 -23.77
CA TYR C 130 16.35 -2.13 -24.53
C TYR C 130 15.10 -2.02 -23.64
N SER C 131 15.29 -2.09 -22.32
CA SER C 131 14.20 -2.21 -21.36
C SER C 131 13.67 -0.83 -20.92
N GLY C 132 12.55 -0.86 -20.19
CA GLY C 132 11.93 0.36 -19.66
C GLY C 132 12.83 1.16 -18.75
N THR C 133 13.61 0.46 -17.91
CA THR C 133 14.57 1.11 -17.05
C THR C 133 15.53 1.98 -17.88
N GLU C 134 16.02 1.43 -18.96
CA GLU C 134 16.94 2.14 -19.83
C GLU C 134 16.22 3.29 -20.55
N VAL C 135 15.02 3.04 -21.05
CA VAL C 135 14.23 4.10 -21.69
C VAL C 135 14.07 5.30 -20.74
N ARG C 136 13.65 4.99 -19.52
CA ARG C 136 13.36 6.07 -18.55
C ARG C 136 14.63 6.84 -18.12
N ARG C 137 15.73 6.10 -17.96
CA ARG C 137 17.03 6.71 -17.66
C ARG C 137 17.43 7.67 -18.77
N ARG C 138 17.28 7.24 -20.01
CA ARG C 138 17.62 8.10 -21.15
C ARG C 138 16.73 9.33 -21.27
N MET C 139 15.44 9.17 -20.96
CA MET C 139 14.55 10.32 -20.90
C MET C 139 15.05 11.34 -19.88
N LEU C 140 15.44 10.85 -18.71
CA LEU C 140 15.96 11.69 -17.64
C LEU C 140 17.28 12.35 -18.01
N ASP C 141 18.19 11.59 -18.62
CA ASP C 141 19.59 12.03 -18.84
C ASP C 141 19.87 12.58 -20.24
N ASP C 142 18.84 12.86 -21.03
CA ASP C 142 18.99 13.31 -22.42
C ASP C 142 19.77 12.32 -23.29
N GLY C 143 19.59 11.02 -23.04
CA GLY C 143 20.09 9.99 -23.94
C GLY C 143 19.13 9.76 -25.10
N ASP C 144 19.46 8.76 -25.93
CA ASP C 144 18.69 8.45 -27.10
C ASP C 144 17.51 7.48 -26.74
N TRP C 145 16.51 8.02 -26.05
CA TRP C 145 15.32 7.23 -25.68
C TRP C 145 14.46 6.95 -26.89
N ARG C 146 14.44 7.86 -27.85
CA ARG C 146 13.56 7.69 -29.03
C ARG C 146 13.88 6.44 -29.82
N SER C 147 15.19 6.12 -29.91
CA SER C 147 15.60 4.95 -30.69
C SER C 147 15.07 3.65 -30.11
N LEU C 148 14.71 3.64 -28.82
CA LEU C 148 14.24 2.44 -28.15
C LEU C 148 12.72 2.22 -28.25
N LEU C 149 12.04 3.16 -28.88
CA LEU C 149 10.60 3.11 -29.00
C LEU C 149 10.12 3.14 -30.45
N PRO C 150 8.98 2.49 -30.73
CA PRO C 150 8.29 2.73 -31.99
C PRO C 150 8.01 4.20 -32.15
N GLU C 151 8.10 4.71 -33.38
CA GLU C 151 7.88 6.12 -33.61
C GLU C 151 6.48 6.58 -33.15
N SER C 152 5.48 5.70 -33.28
CA SER C 152 4.13 6.03 -32.80
C SER C 152 4.10 6.31 -31.28
N VAL C 153 4.97 5.63 -30.51
CA VAL C 153 5.07 5.84 -29.07
C VAL C 153 5.77 7.16 -28.78
N VAL C 154 6.85 7.42 -29.53
CA VAL C 154 7.53 8.71 -29.43
C VAL C 154 6.52 9.86 -29.59
N GLU C 155 5.65 9.76 -30.57
CA GLU C 155 4.64 10.78 -30.82
C GLU C 155 3.71 10.96 -29.63
N VAL C 156 3.33 9.84 -28.99
CA VAL C 156 2.53 9.93 -27.77
C VAL C 156 3.29 10.68 -26.67
N ILE C 157 4.53 10.27 -26.45
CA ILE C 157 5.35 10.88 -25.40
C ILE C 157 5.54 12.39 -25.63
N ASP C 158 5.74 12.79 -26.88
CA ASP C 158 5.83 14.21 -27.24
C ASP C 158 4.52 14.94 -26.91
N GLU C 159 3.37 14.38 -27.33
CA GLU C 159 2.06 15.02 -27.07
C GLU C 159 1.77 15.21 -25.58
N ILE C 160 2.06 14.21 -24.76
CA ILE C 160 1.76 14.25 -23.32
C ILE C 160 2.86 14.89 -22.47
N ASN C 161 3.89 15.44 -23.11
CA ASN C 161 5.03 16.07 -22.42
C ASN C 161 5.70 15.13 -21.41
N GLY C 162 5.87 13.87 -21.81
CA GLY C 162 6.38 12.80 -20.94
C GLY C 162 7.76 13.04 -20.39
N VAL C 163 8.63 13.59 -21.24
CA VAL C 163 10.01 13.89 -20.81
C VAL C 163 10.04 15.00 -19.76
N GLU C 164 9.34 16.08 -20.05
CA GLU C 164 9.15 17.18 -19.11
C GLU C 164 8.63 16.67 -17.76
N ARG C 165 7.63 15.80 -17.81
CA ARG C 165 7.08 15.23 -16.58
C ARG C 165 8.13 14.50 -15.77
N ILE C 166 8.79 13.54 -16.41
CA ILE C 166 9.73 12.72 -15.67
C ILE C 166 10.91 13.55 -15.12
N LYS C 167 11.37 14.53 -15.88
CA LYS C 167 12.42 15.46 -15.39
C LYS C 167 11.94 16.26 -14.17
N HIS C 168 10.73 16.76 -14.21
CA HIS C 168 10.22 17.50 -13.06
C HIS C 168 10.14 16.63 -11.82
N LEU C 169 9.60 15.42 -12.00
CA LEU C 169 9.42 14.49 -10.90
C LEU C 169 10.74 14.08 -10.25
N ALA C 170 11.82 14.09 -11.04
CA ALA C 170 13.16 13.72 -10.54
C ALA C 170 13.93 14.86 -9.80
N LYS C 171 13.37 16.07 -9.74
CA LYS C 171 14.10 17.21 -9.14
C LYS C 171 13.97 17.24 -7.59
PA NAP D . 2.68 -11.38 13.41
O1A NAP D . 2.96 -11.54 11.95
O2A NAP D . 2.09 -12.63 14.04
O5B NAP D . 4.04 -10.90 14.15
C5B NAP D . 4.42 -11.28 15.47
C4B NAP D . 5.82 -11.84 15.42
O4B NAP D . 6.18 -12.26 16.73
C3B NAP D . 5.93 -13.08 14.55
O3B NAP D . 7.29 -13.31 14.15
C2B NAP D . 5.45 -14.16 15.54
O2B NAP D . 6.08 -15.40 15.29
C1B NAP D . 6.04 -13.65 16.85
N9A NAP D . 5.24 -13.99 18.05
C8A NAP D . 3.95 -13.66 18.30
N7A NAP D . 3.54 -14.11 19.46
C5A NAP D . 4.61 -14.77 20.01
C6A NAP D . 4.80 -15.47 21.23
N6A NAP D . 3.83 -15.61 22.16
N1A NAP D . 6.04 -16.00 21.47
C2A NAP D . 7.01 -15.86 20.53
N3A NAP D . 6.91 -15.23 19.37
C4A NAP D . 5.68 -14.70 19.16
O3 NAP D . 1.68 -10.22 13.74
PN NAP D . 1.86 -9.02 14.73
O1N NAP D . 3.08 -8.27 14.33
O2N NAP D . 1.82 -9.58 16.14
O5D NAP D . 0.61 -8.09 14.32
C5D NAP D . -0.70 -8.63 14.35
C4D NAP D . -1.48 -8.41 13.05
O4D NAP D . -2.29 -7.25 13.20
C3D NAP D . -0.74 -8.23 11.72
O3D NAP D . -1.39 -9.01 10.69
C2D NAP D . -0.88 -6.74 11.44
O2D NAP D . -0.84 -6.34 10.06
C1D NAP D . -2.26 -6.53 12.01
N1N NAP D . -2.50 -5.11 12.28
C2N NAP D . -3.13 -4.42 11.32
C3N NAP D . -3.38 -3.08 11.44
C7N NAP D . -4.08 -2.40 10.32
O7N NAP D . -4.65 -3.05 9.43
N7N NAP D . -4.08 -1.07 10.36
C4N NAP D . -2.99 -2.41 12.60
C5N NAP D . -2.34 -3.13 13.59
C6N NAP D . -2.09 -4.51 13.43
P2B NAP D . 5.66 -16.38 14.09
O1X NAP D . 6.46 -16.06 12.87
O2X NAP D . 6.06 -17.78 14.48
O3X NAP D . 4.18 -16.32 13.89
PA NAP E . 4.74 16.25 3.66
O1A NAP E . 4.84 15.08 4.59
O2A NAP E . 3.68 17.21 4.08
O5B NAP E . 6.19 16.87 3.65
C5B NAP E . 7.05 17.36 2.70
C4B NAP E . 8.36 17.55 3.49
O4B NAP E . 8.70 18.91 3.35
C3B NAP E . 8.21 17.34 5.04
O3B NAP E . 9.43 16.96 5.70
C2B NAP E . 7.82 18.74 5.54
O2B NAP E . 8.34 19.07 6.81
C1B NAP E . 8.67 19.56 4.62
N9A NAP E . 8.20 20.92 4.35
C8A NAP E . 6.98 21.31 3.93
N7A NAP E . 6.90 22.62 3.75
C5A NAP E . 8.16 23.11 4.09
C6A NAP E . 8.74 24.41 4.16
N6A NAP E . 8.06 25.51 3.80
N1A NAP E . 10.03 24.49 4.57
C2A NAP E . 10.69 23.36 4.90
N3A NAP E . 10.24 22.09 4.87
C4A NAP E . 8.95 22.05 4.48
O3 NAP E . 4.44 15.76 2.20
PN NAP E . 4.36 16.44 0.77
O1N NAP E . 5.32 15.72 -0.10
O2N NAP E . 4.51 17.94 0.94
O5D NAP E . 2.90 16.11 0.25
C5D NAP E . 1.83 16.62 0.98
C4D NAP E . 0.74 15.57 1.04
O4D NAP E . 0.14 15.26 -0.24
C3D NAP E . 1.21 14.24 1.60
O3D NAP E . 0.26 13.84 2.58
C2D NAP E . 1.16 13.28 0.45
O2D NAP E . 0.90 11.94 0.85
C1D NAP E . -0.01 13.87 -0.32
N1N NAP E . -0.02 13.45 -1.70
C2N NAP E . -0.81 12.38 -1.99
C3N NAP E . -0.91 11.87 -3.26
C7N NAP E . -1.82 10.68 -3.47
O7N NAP E . -2.58 10.37 -2.58
N7N NAP E . -1.68 9.97 -4.60
C4N NAP E . -0.18 12.49 -4.29
C5N NAP E . 0.63 13.59 -3.97
C6N NAP E . 0.72 14.05 -2.66
P2B NAP E . 7.62 18.72 8.24
O1X NAP E . 8.17 17.46 8.77
O2X NAP E . 8.08 19.87 9.15
O3X NAP E . 6.12 18.76 8.05
PA NAP F . 6.61 -5.96 -15.04
O1A NAP F . 7.13 -4.75 -14.32
O2A NAP F . 5.64 -5.61 -16.14
O5B NAP F . 7.84 -6.91 -15.60
C5B NAP F . 8.95 -7.26 -14.74
C4B NAP F . 10.25 -7.00 -15.50
O4B NAP F . 10.44 -7.94 -16.57
C3B NAP F . 10.31 -5.64 -16.16
O3B NAP F . 11.62 -5.11 -15.89
C2B NAP F . 10.08 -5.92 -17.65
O2B NAP F . 10.88 -5.09 -18.46
C1B NAP F . 10.79 -7.25 -17.75
N9A NAP F . 10.39 -8.11 -18.90
C8A NAP F . 9.12 -8.52 -19.19
N7A NAP F . 9.08 -9.29 -20.26
C5A NAP F . 10.39 -9.43 -20.67
C6A NAP F . 10.96 -10.11 -21.73
N6A NAP F . 10.18 -10.82 -22.57
N1A NAP F . 12.32 -10.02 -21.87
C2A NAP F . 13.02 -9.28 -20.99
N3A NAP F . 12.54 -8.57 -19.94
C4A NAP F . 11.21 -8.69 -19.84
O3 NAP F . 5.92 -6.84 -13.94
PN NAP F . 5.60 -8.42 -13.83
O1N NAP F . 6.30 -8.97 -12.63
O2N NAP F . 5.88 -8.98 -15.20
O5D NAP F . 4.01 -8.37 -13.52
C5D NAP F . 3.17 -7.82 -14.51
C4D NAP F . 2.08 -7.01 -13.88
O4D NAP F . 1.27 -7.84 -13.08
C3D NAP F . 2.57 -5.90 -12.97
O3D NAP F . 1.84 -4.70 -13.21
C2D NAP F . 2.30 -6.42 -11.58
O2D NAP F . 2.06 -5.46 -10.57
C1D NAP F . 1.02 -7.17 -11.86
N1N NAP F . 0.68 -8.14 -10.83
C2N NAP F . -0.22 -7.71 -9.93
C3N NAP F . -0.63 -8.53 -8.88
C7N NAP F . -1.64 -7.99 -7.91
O7N NAP F . -2.25 -6.95 -8.15
N7N NAP F . -1.83 -8.69 -6.80
C4N NAP F . -0.11 -9.81 -8.80
C5N NAP F . 0.80 -10.23 -9.75
C6N NAP F . 1.23 -9.37 -10.77
P2B NAP F . 10.50 -3.58 -18.89
O1X NAP F . 11.06 -2.65 -17.87
O2X NAP F . 11.16 -3.38 -20.21
O3X NAP F . 9.00 -3.40 -19.03
#